data_3Q7U
#
_entry.id   3Q7U
#
_cell.length_a   55.214
_cell.length_b   76.756
_cell.length_c   131.538
_cell.angle_alpha   90.000
_cell.angle_beta   90.000
_cell.angle_gamma   90.000
#
_symmetry.space_group_name_H-M   'P 21 21 21'
#
loop_
_entity.id
_entity.type
_entity.pdbx_description
1 polymer '2-C-methyl-D-erythritol 4-phosphate cytidyltransferase'
2 non-polymer 'MAGNESIUM ION'
3 non-polymer "CYTIDINE-5'-TRIPHOSPHATE"
4 water water
#
_entity_poly.entity_id   1
_entity_poly.type   'polypeptide(L)'
_entity_poly.pdbx_seq_one_letter_code
;VVREAGEVVAIVPAAGSGERLAVGVPKAFYQLDGQTLIERAVDGLLDSGVVDTVVVAVPADRTDEARQILGHRAMIVAGG
SNRTDTVNLALTVLSGTAEPEFVLVHDAARALTPPALVARVVEALRDGYAAVVPVLPLSDTIKAVDANGVVLGTPERAGL
RAVQTPQGFTTDLLLRSYQRGSLDLPAAEYTDDASLVEHIGGQVQVVDGDPLAFKITTKLDLLLAQAIVRG
;
_entity_poly.pdbx_strand_id   A,B
#
# COMPACT_ATOMS: atom_id res chain seq x y z
N GLY A 6 15.75 31.53 -6.27
CA GLY A 6 16.03 30.20 -6.78
C GLY A 6 14.81 29.61 -7.48
N GLU A 7 14.96 29.23 -8.74
CA GLU A 7 13.83 28.76 -9.53
C GLU A 7 13.61 27.26 -9.37
N VAL A 8 12.34 26.86 -9.38
CA VAL A 8 11.96 25.46 -9.21
C VAL A 8 11.21 24.96 -10.45
N VAL A 9 11.76 23.95 -11.13
CA VAL A 9 11.07 23.37 -12.29
C VAL A 9 10.53 22.00 -11.90
N ALA A 10 9.27 21.73 -12.23
CA ALA A 10 8.68 20.42 -12.02
C ALA A 10 8.55 19.66 -13.35
N ILE A 11 9.15 18.48 -13.41
CA ILE A 11 9.00 17.57 -14.53
C ILE A 11 7.94 16.52 -14.19
N VAL A 12 6.95 16.38 -15.08
CA VAL A 12 5.82 15.49 -14.86
C VAL A 12 5.81 14.36 -15.89
N PRO A 13 6.30 13.18 -15.49
CA PRO A 13 6.21 12.07 -16.43
C PRO A 13 4.76 11.61 -16.57
N ALA A 14 4.22 11.74 -17.79
CA ALA A 14 2.83 11.40 -18.08
C ALA A 14 2.74 10.62 -19.40
N ALA A 15 3.80 9.90 -19.75
CA ALA A 15 3.88 9.28 -21.06
C ALA A 15 3.58 7.77 -21.06
N GLY A 16 3.28 7.21 -19.89
CA GLY A 16 2.91 5.80 -19.79
C GLY A 16 1.49 5.53 -20.27
N SER A 17 1.23 4.31 -20.72
CA SER A 17 -0.10 3.99 -21.26
C SER A 17 -1.15 3.72 -20.17
N GLY A 18 -0.73 3.34 -18.98
CA GLY A 18 -1.67 2.93 -17.94
C GLY A 18 -2.39 1.63 -18.27
N GLU A 19 -1.63 0.59 -18.53
CA GLU A 19 -2.17 -0.71 -18.91
C GLU A 19 -2.95 -1.36 -17.78
N ARG A 20 -2.43 -1.24 -16.56
CA ARG A 20 -3.13 -1.78 -15.40
C ARG A 20 -4.43 -1.04 -15.12
N LEU A 21 -4.57 0.19 -15.65
CA LEU A 21 -5.80 0.94 -15.42
C LEU A 21 -6.87 0.58 -16.47
N ALA A 22 -6.46 0.48 -17.73
CA ALA A 22 -7.35 0.06 -18.83
C ALA A 22 -8.67 0.84 -18.89
N VAL A 23 -8.57 2.14 -19.15
CA VAL A 23 -9.75 2.97 -19.28
C VAL A 23 -9.98 3.46 -20.72
N GLY A 24 -9.34 2.82 -21.68
CA GLY A 24 -9.62 3.09 -23.08
C GLY A 24 -8.81 4.25 -23.63
N VAL A 25 -8.08 4.93 -22.76
CA VAL A 25 -7.25 6.04 -23.19
C VAL A 25 -5.97 5.99 -22.36
N PRO A 26 -4.87 6.56 -22.86
CA PRO A 26 -3.67 6.59 -22.00
C PRO A 26 -4.03 7.27 -20.67
N LYS A 27 -3.50 6.73 -19.58
CA LYS A 27 -3.92 7.10 -18.23
C LYS A 27 -3.97 8.61 -17.95
N ALA A 28 -2.88 9.32 -18.26
CA ALA A 28 -2.81 10.75 -17.97
C ALA A 28 -3.95 11.55 -18.62
N PHE A 29 -4.58 10.98 -19.64
CA PHE A 29 -5.66 11.66 -20.35
C PHE A 29 -7.06 11.23 -19.94
N TYR A 30 -7.14 10.32 -18.98
CA TYR A 30 -8.45 9.94 -18.45
C TYR A 30 -9.13 11.14 -17.80
N GLN A 31 -10.42 11.34 -18.08
CA GLN A 31 -11.17 12.43 -17.47
C GLN A 31 -11.80 12.03 -16.13
N LEU A 32 -11.24 12.57 -15.06
CA LEU A 32 -11.75 12.30 -13.73
C LEU A 32 -12.70 13.39 -13.31
N ASP A 33 -14.00 13.08 -13.30
CA ASP A 33 -15.01 14.06 -12.91
C ASP A 33 -14.81 15.40 -13.62
N GLY A 34 -14.68 15.34 -14.94
CA GLY A 34 -14.61 16.55 -15.75
C GLY A 34 -13.22 17.11 -16.01
N GLN A 35 -12.18 16.46 -15.49
CA GLN A 35 -10.85 17.02 -15.62
C GLN A 35 -9.79 15.91 -15.73
N THR A 36 -8.94 16.00 -16.75
CA THR A 36 -7.94 14.98 -16.99
C THR A 36 -6.97 14.88 -15.84
N LEU A 37 -6.43 13.67 -15.62
CA LEU A 37 -5.42 13.46 -14.59
C LEU A 37 -4.22 14.37 -14.81
N ILE A 38 -3.87 14.62 -16.06
CA ILE A 38 -2.69 15.43 -16.31
C ILE A 38 -2.94 16.89 -15.88
N GLU A 39 -4.13 17.41 -16.15
CA GLU A 39 -4.43 18.79 -15.74
C GLU A 39 -4.49 18.91 -14.22
N ARG A 40 -5.06 17.91 -13.58
CA ARG A 40 -5.13 17.86 -12.12
C ARG A 40 -3.72 17.86 -11.51
N ALA A 41 -2.82 17.06 -12.07
CA ALA A 41 -1.50 16.95 -11.48
C ALA A 41 -0.76 18.27 -11.68
N VAL A 42 -0.99 18.89 -12.84
CA VAL A 42 -0.38 20.20 -13.15
C VAL A 42 -0.89 21.29 -12.23
N ASP A 43 -2.20 21.33 -12.01
CA ASP A 43 -2.77 22.28 -11.05
C ASP A 43 -2.20 22.12 -9.61
N GLY A 44 -2.10 20.89 -9.14
CA GLY A 44 -1.55 20.65 -7.81
C GLY A 44 -0.17 21.28 -7.66
N LEU A 45 0.66 21.09 -8.68
CA LEU A 45 2.00 21.66 -8.67
C LEU A 45 1.96 23.19 -8.68
N LEU A 46 1.19 23.75 -9.60
CA LEU A 46 1.15 25.21 -9.74
C LEU A 46 0.48 25.87 -8.53
N ASP A 47 -0.56 25.25 -8.01
CA ASP A 47 -1.25 25.80 -6.85
C ASP A 47 -0.40 25.80 -5.58
N SER A 48 0.70 25.07 -5.58
CA SER A 48 1.56 25.03 -4.41
C SER A 48 2.16 26.40 -4.14
N GLY A 49 2.31 27.20 -5.18
CA GLY A 49 2.87 28.54 -5.05
C GLY A 49 4.39 28.54 -5.08
N VAL A 50 5.02 27.37 -5.21
CA VAL A 50 6.48 27.30 -5.15
C VAL A 50 7.10 26.69 -6.39
N VAL A 51 6.28 26.45 -7.40
CA VAL A 51 6.78 25.86 -8.64
C VAL A 51 6.72 26.90 -9.77
N ASP A 52 7.85 27.13 -10.45
CA ASP A 52 7.92 28.23 -11.40
C ASP A 52 7.54 27.83 -12.82
N THR A 53 7.98 26.64 -13.21
CA THR A 53 7.74 26.12 -14.55
C THR A 53 7.45 24.62 -14.47
N VAL A 54 6.42 24.17 -15.18
CA VAL A 54 6.12 22.76 -15.27
C VAL A 54 6.37 22.29 -16.70
N VAL A 55 7.05 21.16 -16.81
CA VAL A 55 7.32 20.52 -18.07
C VAL A 55 6.73 19.11 -18.02
N VAL A 56 5.76 18.85 -18.90
CA VAL A 56 5.07 17.56 -18.91
C VAL A 56 5.52 16.73 -20.10
N ALA A 57 5.72 15.44 -19.88
CA ALA A 57 6.10 14.53 -20.96
C ALA A 57 4.95 13.55 -21.22
N VAL A 58 4.51 13.50 -22.48
CA VAL A 58 3.32 12.72 -22.84
C VAL A 58 3.63 11.75 -23.99
N PRO A 59 2.71 10.80 -24.27
CA PRO A 59 3.00 9.96 -25.45
C PRO A 59 3.20 10.84 -26.69
N ALA A 60 4.08 10.43 -27.60
CA ALA A 60 4.42 11.24 -28.77
C ALA A 60 3.24 11.66 -29.65
N ASP A 61 2.18 10.87 -29.66
CA ASP A 61 1.04 11.18 -30.52
C ASP A 61 -0.03 12.00 -29.78
N ARG A 62 0.29 12.43 -28.57
CA ARG A 62 -0.68 13.17 -27.77
C ARG A 62 -0.16 14.55 -27.40
N THR A 63 0.93 14.97 -28.02
CA THR A 63 1.50 16.29 -27.70
C THR A 63 0.55 17.40 -28.04
N ASP A 64 -0.16 17.27 -29.16
CA ASP A 64 -1.13 18.28 -29.57
C ASP A 64 -2.27 18.38 -28.58
N GLU A 65 -2.82 17.23 -28.21
CA GLU A 65 -3.93 17.16 -27.26
C GLU A 65 -3.51 17.75 -25.91
N ALA A 66 -2.32 17.38 -25.45
CA ALA A 66 -1.78 17.91 -24.21
C ALA A 66 -1.71 19.45 -24.27
N ARG A 67 -1.32 19.98 -25.41
CA ARG A 67 -1.22 21.43 -25.56
C ARG A 67 -2.58 22.08 -25.47
N GLN A 68 -3.58 21.48 -26.10
CA GLN A 68 -4.94 22.01 -26.04
C GLN A 68 -5.47 22.01 -24.62
N ILE A 69 -5.12 20.96 -23.88
CA ILE A 69 -5.57 20.83 -22.49
C ILE A 69 -4.86 21.84 -21.59
N LEU A 70 -3.53 21.92 -21.72
CA LEU A 70 -2.74 22.65 -20.74
C LEU A 70 -2.48 24.11 -21.13
N GLY A 71 -2.54 24.42 -22.42
CA GLY A 71 -2.23 25.77 -22.88
C GLY A 71 -0.92 26.30 -22.29
N HIS A 72 -0.99 27.50 -21.72
CA HIS A 72 0.20 28.19 -21.22
C HIS A 72 0.80 27.58 -19.96
N ARG A 73 0.06 26.67 -19.33
CA ARG A 73 0.41 26.23 -17.98
C ARG A 73 1.58 25.26 -17.87
N ALA A 74 1.86 24.55 -18.95
CA ALA A 74 2.99 23.66 -18.95
C ALA A 74 3.59 23.55 -20.33
N MET A 75 4.90 23.37 -20.35
CA MET A 75 5.64 23.04 -21.55
C MET A 75 5.44 21.56 -21.85
N ILE A 76 5.25 21.23 -23.12
CA ILE A 76 5.01 19.84 -23.51
C ILE A 76 6.13 19.25 -24.34
N VAL A 77 6.52 18.04 -24.00
CA VAL A 77 7.51 17.30 -24.75
C VAL A 77 6.98 15.86 -24.86
N ALA A 78 7.48 15.10 -25.84
CA ALA A 78 7.16 13.68 -25.95
C ALA A 78 7.98 12.83 -24.99
N GLY A 79 7.32 11.88 -24.33
CA GLY A 79 7.99 10.98 -23.42
C GLY A 79 8.69 9.85 -24.18
N GLY A 80 9.18 8.86 -23.45
CA GLY A 80 9.90 7.76 -24.07
C GLY A 80 9.32 6.39 -23.78
N SER A 81 10.14 5.36 -24.05
CA SER A 81 9.74 3.96 -23.94
C SER A 81 9.49 3.51 -22.50
N ASN A 82 10.25 4.07 -21.57
CA ASN A 82 10.00 3.83 -20.16
C ASN A 82 10.14 5.12 -19.37
N ARG A 83 9.75 5.10 -18.10
CA ARG A 83 9.78 6.31 -17.30
C ARG A 83 11.16 6.97 -17.26
N THR A 84 12.21 6.15 -17.19
CA THR A 84 13.56 6.69 -17.16
C THR A 84 13.88 7.44 -18.44
N ASP A 85 13.47 6.85 -19.56
CA ASP A 85 13.65 7.50 -20.85
C ASP A 85 12.91 8.83 -20.87
N THR A 86 11.65 8.76 -20.43
CA THR A 86 10.81 9.94 -20.37
C THR A 86 11.51 11.07 -19.60
N VAL A 87 12.00 10.77 -18.40
CA VAL A 87 12.62 11.81 -17.58
C VAL A 87 13.87 12.38 -18.25
N ASN A 88 14.66 11.52 -18.89
CA ASN A 88 15.86 11.99 -19.57
C ASN A 88 15.49 12.97 -20.67
N LEU A 89 14.45 12.62 -21.43
CA LEU A 89 13.98 13.51 -22.49
C LEU A 89 13.54 14.85 -21.92
N ALA A 90 12.84 14.83 -20.79
CA ALA A 90 12.32 16.05 -20.19
C ALA A 90 13.44 16.94 -19.66
N LEU A 91 14.46 16.33 -19.07
CA LEU A 91 15.57 17.09 -18.53
C LEU A 91 16.33 17.86 -19.62
N THR A 92 16.26 17.40 -20.87
CA THR A 92 16.98 18.09 -21.93
C THR A 92 16.40 19.47 -22.18
N VAL A 93 15.17 19.69 -21.72
CA VAL A 93 14.55 21.01 -21.90
C VAL A 93 15.24 22.08 -21.06
N LEU A 94 15.83 21.70 -19.93
CA LEU A 94 16.40 22.70 -19.02
C LEU A 94 17.37 23.65 -19.70
N SER A 95 17.17 24.95 -19.46
CA SER A 95 17.97 26.00 -20.08
C SER A 95 19.45 25.82 -19.79
N GLY A 96 20.25 26.00 -20.83
CA GLY A 96 21.70 25.95 -20.68
C GLY A 96 22.21 27.10 -19.84
N THR A 97 21.91 28.31 -20.27
CA THR A 97 22.44 29.50 -19.61
C THR A 97 21.85 29.75 -18.21
N ALA A 98 20.54 29.57 -18.08
CA ALA A 98 19.85 29.84 -16.82
C ALA A 98 19.19 28.59 -16.23
N GLU A 99 19.99 27.73 -15.61
CA GLU A 99 19.47 26.52 -15.00
C GLU A 99 18.81 26.79 -13.66
N PRO A 100 17.69 26.10 -13.38
CA PRO A 100 16.95 26.29 -12.13
C PRO A 100 17.76 25.76 -10.96
N GLU A 101 17.47 26.26 -9.77
CA GLU A 101 18.14 25.79 -8.57
C GLU A 101 17.63 24.39 -8.21
N PHE A 102 16.32 24.17 -8.33
CA PHE A 102 15.76 22.86 -7.96
C PHE A 102 14.88 22.26 -9.04
N VAL A 103 14.84 20.93 -9.10
CA VAL A 103 13.94 20.22 -10.00
C VAL A 103 13.07 19.24 -9.19
N LEU A 104 11.77 19.26 -9.40
CA LEU A 104 10.90 18.22 -8.86
C LEU A 104 10.55 17.25 -9.99
N VAL A 105 10.40 15.98 -9.64
CA VAL A 105 9.88 14.99 -10.57
C VAL A 105 8.63 14.42 -9.92
N HIS A 106 7.53 14.44 -10.66
CA HIS A 106 6.21 14.19 -10.09
C HIS A 106 5.33 13.41 -11.06
N ASP A 107 4.94 12.20 -10.65
CA ASP A 107 4.07 11.34 -11.45
C ASP A 107 2.68 11.92 -11.64
N ALA A 108 2.29 12.07 -12.89
CA ALA A 108 0.97 12.56 -13.24
C ALA A 108 -0.08 11.63 -12.63
N ALA A 109 0.29 10.36 -12.44
CA ALA A 109 -0.64 9.40 -11.87
C ALA A 109 -1.04 9.73 -10.43
N ARG A 110 -0.23 10.54 -9.74
CA ARG A 110 -0.59 10.99 -8.39
C ARG A 110 -1.39 12.30 -8.48
N ALA A 111 -2.51 12.25 -9.19
CA ALA A 111 -3.26 13.44 -9.56
C ALA A 111 -3.91 14.22 -8.41
N LEU A 112 -4.16 13.56 -7.29
CA LEU A 112 -4.80 14.25 -6.15
C LEU A 112 -3.79 14.73 -5.10
N THR A 113 -2.51 14.74 -5.45
CA THR A 113 -1.49 15.25 -4.54
C THR A 113 -1.85 16.64 -4.04
N PRO A 114 -1.89 16.85 -2.71
CA PRO A 114 -2.18 18.18 -2.17
C PRO A 114 -1.05 19.17 -2.47
N PRO A 115 -1.39 20.41 -2.83
CA PRO A 115 -0.37 21.44 -3.09
C PRO A 115 0.53 21.66 -1.85
N ALA A 116 -0.02 21.45 -0.65
CA ALA A 116 0.77 21.62 0.57
C ALA A 116 1.95 20.63 0.61
N LEU A 117 1.76 19.45 0.05
CA LEU A 117 2.82 18.46 0.00
CA LEU A 117 2.83 18.45 0.00
C LEU A 117 3.96 18.92 -0.92
N VAL A 118 3.59 19.44 -2.08
CA VAL A 118 4.56 20.03 -2.98
C VAL A 118 5.39 21.11 -2.26
N ALA A 119 4.72 21.95 -1.49
CA ALA A 119 5.38 23.05 -0.81
C ALA A 119 6.32 22.55 0.29
N ARG A 120 5.95 21.44 0.91
CA ARG A 120 6.74 20.87 1.99
C ARG A 120 8.06 20.29 1.45
N VAL A 121 7.98 19.69 0.27
CA VAL A 121 9.17 19.17 -0.40
C VAL A 121 10.12 20.31 -0.76
N VAL A 122 9.57 21.40 -1.30
CA VAL A 122 10.38 22.55 -1.67
C VAL A 122 11.00 23.26 -0.45
N GLU A 123 10.25 23.34 0.65
CA GLU A 123 10.77 23.91 1.88
C GLU A 123 11.98 23.12 2.40
N ALA A 124 11.90 21.79 2.31
CA ALA A 124 13.02 20.95 2.74
C ALA A 124 14.26 21.19 1.87
N LEU A 125 14.06 21.33 0.55
CA LEU A 125 15.15 21.69 -0.36
C LEU A 125 15.82 23.02 0.04
N ARG A 126 15.00 24.03 0.33
CA ARG A 126 15.53 25.34 0.71
C ARG A 126 16.25 25.31 2.06
N ASP A 127 15.88 24.36 2.91
CA ASP A 127 16.59 24.17 4.18
C ASP A 127 17.94 23.48 3.96
N GLY A 128 18.27 23.17 2.71
CA GLY A 128 19.58 22.64 2.37
C GLY A 128 19.71 21.14 2.10
N TYR A 129 18.62 20.40 2.19
CA TYR A 129 18.70 19.00 1.81
C TYR A 129 18.88 18.89 0.29
N ALA A 130 19.84 18.08 -0.16
CA ALA A 130 20.13 18.02 -1.59
C ALA A 130 19.14 17.15 -2.36
N ALA A 131 18.48 16.23 -1.66
CA ALA A 131 17.50 15.35 -2.28
C ALA A 131 16.44 15.05 -1.24
N VAL A 132 15.17 15.19 -1.63
CA VAL A 132 14.06 15.05 -0.72
C VAL A 132 12.93 14.20 -1.31
N VAL A 133 12.44 13.24 -0.53
CA VAL A 133 11.27 12.44 -0.94
C VAL A 133 10.20 12.40 0.14
N PRO A 134 8.93 12.51 -0.26
CA PRO A 134 7.80 12.41 0.68
C PRO A 134 7.50 10.94 0.99
N VAL A 135 7.20 10.60 2.24
CA VAL A 135 7.00 9.20 2.63
C VAL A 135 5.85 9.00 3.60
N LEU A 136 5.31 7.77 3.61
CA LEU A 136 4.27 7.37 4.56
C LEU A 136 4.70 6.06 5.22
N PRO A 137 4.11 5.73 6.38
CA PRO A 137 4.38 4.42 6.99
C PRO A 137 3.79 3.33 6.11
N LEU A 138 4.28 2.10 6.24
CA LEU A 138 3.72 0.97 5.49
C LEU A 138 2.27 0.73 5.89
N SER A 139 1.43 0.34 4.94
CA SER A 139 0.09 -0.10 5.27
C SER A 139 0.08 -1.60 5.59
N ASP A 140 0.12 -2.43 4.55
CA ASP A 140 0.22 -3.88 4.74
C ASP A 140 1.61 -4.30 5.25
N THR A 141 1.65 -5.46 5.89
CA THR A 141 2.91 -6.16 6.15
C THR A 141 3.64 -6.38 4.83
N ILE A 142 4.97 -6.27 4.87
CA ILE A 142 5.78 -6.49 3.69
C ILE A 142 6.67 -7.72 3.89
N LYS A 143 6.72 -8.59 2.89
CA LYS A 143 7.62 -9.75 2.95
C LYS A 143 8.53 -9.84 1.74
N ALA A 144 9.72 -10.38 1.95
CA ALA A 144 10.60 -10.75 0.85
C ALA A 144 10.24 -12.16 0.41
N VAL A 145 10.09 -12.35 -0.89
CA VAL A 145 9.61 -13.61 -1.45
C VAL A 145 10.54 -13.99 -2.59
N ASP A 146 10.92 -15.26 -2.69
CA ASP A 146 11.81 -15.69 -3.77
C ASP A 146 11.03 -15.95 -5.05
N ALA A 147 11.72 -16.49 -6.04
CA ALA A 147 11.15 -16.63 -7.38
C ALA A 147 10.13 -17.75 -7.46
N ASN A 148 10.19 -18.69 -6.53
CA ASN A 148 9.20 -19.78 -6.50
C ASN A 148 8.04 -19.52 -5.55
N GLY A 149 7.98 -18.30 -5.01
CA GLY A 149 6.87 -17.91 -4.17
C GLY A 149 7.03 -18.31 -2.72
N VAL A 150 8.27 -18.57 -2.31
CA VAL A 150 8.57 -18.91 -0.92
C VAL A 150 9.02 -17.66 -0.19
N VAL A 151 8.41 -17.41 0.95
CA VAL A 151 8.78 -16.28 1.81
C VAL A 151 10.21 -16.41 2.33
N LEU A 152 11.03 -15.39 2.12
CA LEU A 152 12.39 -15.39 2.65
C LEU A 152 12.39 -14.83 4.06
N GLY A 153 11.56 -13.82 4.31
CA GLY A 153 11.48 -13.23 5.63
C GLY A 153 10.64 -11.96 5.65
N THR A 154 10.45 -11.40 6.84
CA THR A 154 9.63 -10.22 7.02
C THR A 154 10.45 -9.10 7.63
N PRO A 155 10.96 -8.16 6.81
CA PRO A 155 11.79 -7.07 7.31
C PRO A 155 11.10 -6.32 8.44
N GLU A 156 11.88 -5.80 9.40
CA GLU A 156 11.34 -4.95 10.44
C GLU A 156 10.69 -3.73 9.80
N ARG A 157 9.40 -3.51 10.03
CA ARG A 157 8.72 -2.44 9.32
C ARG A 157 8.99 -1.05 9.90
N ALA A 158 9.42 -1.00 11.15
CA ALA A 158 9.69 0.28 11.80
C ALA A 158 10.67 1.13 11.00
N GLY A 159 11.55 0.48 10.24
CA GLY A 159 12.56 1.19 9.47
C GLY A 159 12.26 1.26 7.98
N LEU A 160 10.99 1.04 7.62
CA LEU A 160 10.61 1.07 6.22
C LEU A 160 9.53 2.09 5.98
N ARG A 161 9.54 2.67 4.77
CA ARG A 161 8.55 3.68 4.41
C ARG A 161 8.08 3.49 2.98
N ALA A 162 6.84 3.89 2.71
CA ALA A 162 6.33 3.92 1.36
C ALA A 162 6.64 5.32 0.81
N VAL A 163 7.15 5.38 -0.42
CA VAL A 163 7.65 6.63 -0.99
C VAL A 163 6.73 7.17 -2.08
N GLN A 164 6.51 8.49 -2.08
CA GLN A 164 5.62 9.11 -3.06
C GLN A 164 6.40 10.08 -3.95
N THR A 165 5.69 10.96 -4.67
CA THR A 165 6.27 12.09 -5.38
C THR A 165 5.37 13.27 -5.04
N PRO A 166 5.82 14.52 -5.28
CA PRO A 166 7.06 14.92 -5.97
C PRO A 166 8.31 14.63 -5.16
N GLN A 167 9.32 14.14 -5.86
CA GLN A 167 10.65 14.00 -5.29
C GLN A 167 11.42 15.23 -5.78
N GLY A 168 12.24 15.81 -4.92
CA GLY A 168 12.88 17.09 -5.23
C GLY A 168 14.39 17.00 -5.11
N PHE A 169 15.10 17.75 -5.95
CA PHE A 169 16.55 17.64 -6.01
C PHE A 169 17.21 18.96 -6.38
N THR A 170 18.45 19.15 -5.94
CA THR A 170 19.25 20.19 -6.56
C THR A 170 19.48 19.72 -7.99
N THR A 171 19.50 20.65 -8.92
CA THR A 171 19.51 20.33 -10.34
C THR A 171 20.74 19.53 -10.74
N ASP A 172 21.89 20.00 -10.30
CA ASP A 172 23.16 19.38 -10.62
C ASP A 172 23.20 17.90 -10.17
N LEU A 173 22.75 17.62 -8.97
CA LEU A 173 22.71 16.25 -8.45
C LEU A 173 21.80 15.34 -9.29
N LEU A 174 20.60 15.82 -9.63
CA LEU A 174 19.67 15.02 -10.43
C LEU A 174 20.25 14.73 -11.82
N LEU A 175 20.76 15.77 -12.47
CA LEU A 175 21.40 15.63 -13.77
C LEU A 175 22.56 14.63 -13.73
N ARG A 176 23.47 14.80 -12.77
CA ARG A 176 24.58 13.86 -12.66
C ARG A 176 24.08 12.43 -12.46
N SER A 177 23.05 12.27 -11.65
CA SER A 177 22.53 10.94 -11.32
C SER A 177 21.95 10.26 -12.55
N TYR A 178 21.25 11.03 -13.37
CA TYR A 178 20.65 10.48 -14.58
C TYR A 178 21.73 10.20 -15.61
N GLN A 179 22.71 11.10 -15.74
CA GLN A 179 23.81 10.89 -16.69
C GLN A 179 24.60 9.64 -16.32
N ARG A 180 24.87 9.46 -15.04
CA ARG A 180 25.63 8.29 -14.63
C ARG A 180 24.80 7.01 -14.71
N GLY A 181 23.52 7.11 -14.35
CA GLY A 181 22.61 5.99 -14.47
C GLY A 181 22.49 5.47 -15.89
N SER A 182 22.72 6.36 -16.85
CA SER A 182 22.68 6.00 -18.27
C SER A 182 23.87 5.15 -18.69
N LEU A 183 24.84 5.01 -17.79
CA LEU A 183 25.98 4.15 -18.04
C LEU A 183 25.60 2.69 -17.72
N ASP A 184 24.53 2.52 -16.96
CA ASP A 184 24.03 1.20 -16.59
C ASP A 184 22.68 0.92 -17.23
N GLU A 189 16.16 0.81 -15.30
CA GLU A 189 14.83 0.29 -14.99
C GLU A 189 14.40 0.63 -13.57
N TYR A 190 14.98 1.68 -13.00
CA TYR A 190 14.52 2.19 -11.71
C TYR A 190 13.18 2.89 -11.93
N THR A 191 12.28 2.77 -10.97
CA THR A 191 10.98 3.46 -11.08
C THR A 191 10.99 4.71 -10.19
N ASP A 192 12.13 4.93 -9.53
CA ASP A 192 12.20 5.91 -8.46
C ASP A 192 13.40 6.83 -8.67
N ASP A 193 13.15 8.12 -8.87
CA ASP A 193 14.24 9.05 -9.19
C ASP A 193 15.34 9.05 -8.13
N ALA A 194 14.96 8.92 -6.86
CA ALA A 194 15.90 8.99 -5.75
C ALA A 194 16.89 7.82 -5.75
N SER A 195 16.43 6.64 -6.16
CA SER A 195 17.31 5.49 -6.36
C SER A 195 18.57 5.84 -7.17
N LEU A 196 18.38 6.60 -8.25
CA LEU A 196 19.52 7.02 -9.07
CA LEU A 196 19.51 7.04 -9.07
C LEU A 196 20.49 7.89 -8.28
N VAL A 197 19.95 8.78 -7.44
CA VAL A 197 20.77 9.64 -6.60
C VAL A 197 21.48 8.81 -5.52
N GLU A 198 20.75 7.86 -4.92
CA GLU A 198 21.36 6.94 -3.98
C GLU A 198 22.52 6.18 -4.62
N HIS A 199 22.34 5.76 -5.86
CA HIS A 199 23.34 4.98 -6.58
C HIS A 199 24.71 5.66 -6.72
N ILE A 200 24.73 6.98 -6.84
CA ILE A 200 26.01 7.69 -6.96
C ILE A 200 26.43 8.26 -5.62
N GLY A 201 25.80 7.77 -4.55
CA GLY A 201 26.19 8.12 -3.20
C GLY A 201 25.59 9.41 -2.67
N GLY A 202 24.63 9.98 -3.39
CA GLY A 202 23.91 11.15 -2.89
C GLY A 202 23.04 10.79 -1.70
N GLN A 203 22.88 11.73 -0.78
CA GLN A 203 22.07 11.50 0.42
C GLN A 203 20.66 12.09 0.35
N VAL A 204 19.67 11.26 0.63
CA VAL A 204 18.26 11.61 0.47
C VAL A 204 17.58 11.76 1.84
N GLN A 205 16.88 12.86 2.03
CA GLN A 205 16.15 13.12 3.28
C GLN A 205 14.66 12.94 3.01
N VAL A 206 13.92 12.37 3.96
CA VAL A 206 12.46 12.26 3.82
C VAL A 206 11.68 13.38 4.55
N VAL A 207 10.51 13.69 4.00
CA VAL A 207 9.48 14.46 4.71
C VAL A 207 8.20 13.62 4.64
N ASP A 208 7.21 14.04 5.42
CA ASP A 208 5.91 13.39 5.45
C ASP A 208 5.20 13.56 4.12
N GLY A 209 4.64 12.47 3.60
CA GLY A 209 3.84 12.49 2.40
C GLY A 209 2.40 12.77 2.76
N ASP A 210 1.47 12.23 2.01
CA ASP A 210 0.05 12.44 2.27
C ASP A 210 -0.71 11.32 1.59
N PRO A 211 -1.67 10.69 2.30
CA PRO A 211 -2.38 9.56 1.68
C PRO A 211 -3.10 9.98 0.40
N LEU A 212 -3.40 11.27 0.26
CA LEU A 212 -4.03 11.78 -0.95
C LEU A 212 -3.10 11.79 -2.16
N ALA A 213 -1.81 11.57 -1.95
CA ALA A 213 -0.87 11.54 -3.07
C ALA A 213 -0.68 10.11 -3.61
N PHE A 214 -1.67 9.26 -3.43
CA PHE A 214 -1.57 7.89 -3.91
C PHE A 214 -1.52 7.87 -5.45
N LYS A 215 -0.83 6.86 -5.99
CA LYS A 215 -0.75 6.70 -7.43
C LYS A 215 -2.00 5.99 -7.95
N ILE A 216 -2.70 6.61 -8.89
CA ILE A 216 -3.80 5.93 -9.56
C ILE A 216 -3.24 4.88 -10.50
N THR A 217 -3.34 3.62 -10.12
CA THR A 217 -2.76 2.54 -10.93
C THR A 217 -3.78 1.55 -11.43
N THR A 218 -4.70 1.17 -10.54
CA THR A 218 -5.77 0.24 -10.85
C THR A 218 -7.14 0.91 -10.79
N LYS A 219 -8.17 0.18 -11.22
CA LYS A 219 -9.53 0.70 -11.25
C LYS A 219 -10.05 0.97 -9.85
N LEU A 220 -9.61 0.17 -8.89
CA LEU A 220 -9.90 0.42 -7.49
C LEU A 220 -9.29 1.77 -7.05
N ASP A 221 -8.07 2.06 -7.49
CA ASP A 221 -7.48 3.38 -7.20
C ASP A 221 -8.37 4.47 -7.83
N LEU A 222 -8.87 4.22 -9.03
CA LEU A 222 -9.71 5.20 -9.71
C LEU A 222 -11.03 5.40 -8.94
N LEU A 223 -11.61 4.31 -8.47
CA LEU A 223 -12.85 4.38 -7.69
C LEU A 223 -12.63 5.27 -6.46
N LEU A 224 -11.52 5.03 -5.77
CA LEU A 224 -11.17 5.86 -4.63
C LEU A 224 -11.01 7.33 -5.05
N ALA A 225 -10.33 7.58 -6.16
CA ALA A 225 -10.14 8.95 -6.62
C ALA A 225 -11.48 9.62 -6.93
N GLN A 226 -12.39 8.86 -7.54
CA GLN A 226 -13.70 9.39 -7.86
C GLN A 226 -14.47 9.75 -6.58
N ALA A 227 -14.37 8.88 -5.56
CA ALA A 227 -15.10 9.09 -4.32
C ALA A 227 -14.55 10.30 -3.56
N ILE A 228 -13.26 10.58 -3.74
CA ILE A 228 -12.66 11.71 -3.05
C ILE A 228 -13.13 12.99 -3.70
N VAL A 229 -13.15 12.96 -5.02
CA VAL A 229 -13.33 14.16 -5.82
C VAL A 229 -14.78 14.62 -5.86
N ARG A 230 -15.71 13.67 -5.84
CA ARG A 230 -17.12 14.02 -5.93
C ARG A 230 -17.77 13.79 -4.58
N GLY A 231 -18.19 14.89 -3.96
CA GLY A 231 -18.69 14.84 -2.60
C GLY A 231 -17.55 15.11 -1.64
N GLY B 6 -11.00 -33.19 6.36
CA GLY B 6 -10.25 -32.44 7.35
C GLY B 6 -10.84 -31.06 7.62
N GLU B 7 -10.93 -30.70 8.89
CA GLU B 7 -11.63 -29.49 9.30
C GLU B 7 -10.80 -28.21 9.16
N VAL B 8 -11.47 -27.13 8.78
CA VAL B 8 -10.82 -25.83 8.68
C VAL B 8 -11.48 -24.84 9.64
N VAL B 9 -10.70 -24.35 10.58
CA VAL B 9 -11.20 -23.35 11.51
C VAL B 9 -10.61 -22.00 11.22
N ALA B 10 -11.47 -20.99 11.13
CA ALA B 10 -11.00 -19.63 10.88
C ALA B 10 -11.11 -18.79 12.14
N ILE B 11 -10.01 -18.16 12.50
CA ILE B 11 -9.98 -17.25 13.63
C ILE B 11 -9.99 -15.81 13.14
N VAL B 12 -10.89 -14.99 13.72
CA VAL B 12 -11.04 -13.60 13.30
C VAL B 12 -10.71 -12.64 14.43
N PRO B 13 -9.53 -12.05 14.39
CA PRO B 13 -9.20 -11.02 15.38
C PRO B 13 -9.99 -9.75 15.07
N ALA B 14 -10.88 -9.41 15.99
CA ALA B 14 -11.77 -8.27 15.81
C ALA B 14 -11.82 -7.51 17.12
N ALA B 15 -10.76 -7.65 17.91
CA ALA B 15 -10.75 -7.10 19.25
C ALA B 15 -10.10 -5.71 19.31
N GLY B 16 -9.71 -5.19 18.15
CA GLY B 16 -9.13 -3.86 18.05
C GLY B 16 -10.15 -2.74 18.21
N SER B 17 -9.68 -1.54 18.58
CA SER B 17 -10.62 -0.44 18.83
C SER B 17 -10.83 0.49 17.63
N GLY B 18 -10.07 0.30 16.55
CA GLY B 18 -10.16 1.15 15.37
C GLY B 18 -9.99 2.63 15.66
N GLU B 19 -8.91 2.97 16.33
CA GLU B 19 -8.66 4.37 16.72
C GLU B 19 -8.46 5.26 15.50
N ARG B 20 -7.77 4.73 14.50
CA ARG B 20 -7.45 5.48 13.28
C ARG B 20 -8.68 5.73 12.42
N LEU B 21 -9.73 4.95 12.64
CA LEU B 21 -10.97 5.13 11.89
C LEU B 21 -11.87 6.13 12.63
N ALA B 22 -11.69 6.23 13.95
CA ALA B 22 -12.43 7.16 14.78
C ALA B 22 -13.88 7.32 14.31
N VAL B 23 -14.65 6.25 14.43
CA VAL B 23 -15.97 6.20 13.82
C VAL B 23 -17.09 6.00 14.86
N GLY B 24 -16.73 6.07 16.14
CA GLY B 24 -17.73 6.01 17.19
C GLY B 24 -17.79 4.70 17.96
N VAL B 25 -17.61 3.58 17.27
CA VAL B 25 -17.60 2.28 17.93
C VAL B 25 -16.32 1.52 17.61
N PRO B 26 -16.05 0.44 18.36
CA PRO B 26 -14.92 -0.40 17.96
C PRO B 26 -15.10 -0.78 16.50
N LYS B 27 -14.01 -0.73 15.74
CA LYS B 27 -14.06 -0.89 14.30
C LYS B 27 -14.90 -2.09 13.81
N ALA B 28 -14.72 -3.25 14.43
CA ALA B 28 -15.41 -4.45 13.97
C ALA B 28 -16.92 -4.28 13.99
N PHE B 29 -17.40 -3.36 14.83
CA PHE B 29 -18.84 -3.17 15.00
C PHE B 29 -19.39 -2.00 14.17
N TYR B 30 -18.53 -1.36 13.38
CA TYR B 30 -19.00 -0.28 12.51
C TYR B 30 -19.92 -0.81 11.41
N GLN B 31 -21.06 -0.13 11.21
CA GLN B 31 -22.03 -0.60 10.24
C GLN B 31 -21.74 -0.01 8.85
N LEU B 32 -21.23 -0.85 7.96
CA LEU B 32 -20.93 -0.46 6.59
C LEU B 32 -22.14 -0.81 5.74
N ASP B 33 -22.85 0.21 5.29
CA ASP B 33 -24.03 0.03 4.46
C ASP B 33 -24.96 -1.06 4.97
N GLY B 34 -25.29 -0.99 6.26
CA GLY B 34 -26.25 -1.91 6.85
C GLY B 34 -25.70 -3.18 7.49
N GLN B 35 -24.41 -3.45 7.31
CA GLN B 35 -23.80 -4.64 7.93
C GLN B 35 -22.51 -4.29 8.66
N THR B 36 -22.38 -4.74 9.91
CA THR B 36 -21.11 -4.52 10.61
C THR B 36 -19.97 -5.19 9.86
N LEU B 37 -18.77 -4.63 9.99
CA LEU B 37 -17.58 -5.23 9.41
C LEU B 37 -17.40 -6.67 9.90
N ILE B 38 -17.72 -6.90 11.16
CA ILE B 38 -17.52 -8.24 11.71
C ILE B 38 -18.41 -9.25 10.99
N GLU B 39 -19.67 -8.89 10.76
CA GLU B 39 -20.57 -9.79 10.06
C GLU B 39 -20.14 -10.01 8.61
N ARG B 40 -19.63 -8.95 7.97
CA ARG B 40 -19.17 -9.07 6.59
C ARG B 40 -17.95 -9.95 6.49
N ALA B 41 -17.05 -9.81 7.45
CA ALA B 41 -15.85 -10.65 7.47
C ALA B 41 -16.22 -12.12 7.67
N VAL B 42 -17.12 -12.39 8.60
CA VAL B 42 -17.60 -13.76 8.84
C VAL B 42 -18.29 -14.35 7.61
N ASP B 43 -19.09 -13.55 6.93
CA ASP B 43 -19.80 -14.00 5.73
C ASP B 43 -18.84 -14.40 4.60
N GLY B 44 -17.78 -13.62 4.39
CA GLY B 44 -16.81 -13.91 3.36
C GLY B 44 -16.06 -15.22 3.59
N LEU B 45 -15.82 -15.55 4.86
CA LEU B 45 -15.20 -16.83 5.19
C LEU B 45 -16.16 -18.00 4.93
N LEU B 46 -17.39 -17.88 5.41
CA LEU B 46 -18.38 -18.93 5.27
C LEU B 46 -18.87 -19.12 3.84
N ASP B 47 -18.95 -18.02 3.07
CA ASP B 47 -19.42 -18.13 1.70
C ASP B 47 -18.36 -18.75 0.80
N SER B 48 -17.14 -18.88 1.32
CA SER B 48 -16.07 -19.53 0.58
C SER B 48 -16.36 -21.01 0.34
N GLY B 49 -17.23 -21.58 1.16
CA GLY B 49 -17.54 -23.01 1.07
C GLY B 49 -16.51 -23.94 1.68
N VAL B 50 -15.41 -23.39 2.18
CA VAL B 50 -14.31 -24.26 2.67
C VAL B 50 -13.94 -24.01 4.12
N VAL B 51 -14.71 -23.17 4.79
CA VAL B 51 -14.50 -22.91 6.22
C VAL B 51 -15.59 -23.57 7.07
N ASP B 52 -15.19 -24.50 7.92
CA ASP B 52 -16.16 -25.27 8.70
C ASP B 52 -16.64 -24.55 9.95
N THR B 53 -15.74 -23.79 10.57
CA THR B 53 -16.01 -23.16 11.87
C THR B 53 -15.26 -21.82 12.01
N VAL B 54 -15.99 -20.79 12.42
CA VAL B 54 -15.37 -19.49 12.67
C VAL B 54 -15.37 -19.16 14.16
N VAL B 55 -14.22 -18.71 14.65
CA VAL B 55 -14.10 -18.18 16.01
C VAL B 55 -13.78 -16.69 15.90
N VAL B 56 -14.63 -15.84 16.45
CA VAL B 56 -14.35 -14.42 16.41
C VAL B 56 -14.01 -13.94 17.80
N ALA B 57 -12.93 -13.17 17.91
CA ALA B 57 -12.57 -12.52 19.17
C ALA B 57 -12.87 -11.02 19.12
N VAL B 58 -13.60 -10.54 20.13
CA VAL B 58 -14.06 -9.16 20.18
C VAL B 58 -13.68 -8.52 21.52
N PRO B 59 -13.81 -7.19 21.63
CA PRO B 59 -13.49 -6.61 22.94
C PRO B 59 -14.37 -7.25 24.01
N ALA B 60 -13.80 -7.51 25.18
CA ALA B 60 -14.47 -8.29 26.23
C ALA B 60 -15.87 -7.79 26.57
N ASP B 61 -16.05 -6.48 26.54
CA ASP B 61 -17.32 -5.89 26.92
C ASP B 61 -18.31 -5.90 25.75
N ARG B 62 -17.93 -6.54 24.65
CA ARG B 62 -18.73 -6.55 23.44
C ARG B 62 -19.16 -7.97 23.05
N THR B 63 -18.87 -8.94 23.92
CA THR B 63 -19.15 -10.35 23.61
C THR B 63 -20.65 -10.66 23.38
N ASP B 64 -21.51 -10.19 24.28
CA ASP B 64 -22.94 -10.40 24.13
C ASP B 64 -23.49 -9.77 22.84
N GLU B 65 -23.07 -8.54 22.56
CA GLU B 65 -23.49 -7.84 21.35
C GLU B 65 -23.03 -8.59 20.10
N ALA B 66 -21.82 -9.14 20.15
CA ALA B 66 -21.29 -9.94 19.05
C ALA B 66 -22.17 -11.18 18.80
N ARG B 67 -22.63 -11.83 19.87
CA ARG B 67 -23.46 -13.04 19.73
C ARG B 67 -24.82 -12.71 19.15
N GLN B 68 -25.38 -11.58 19.56
CA GLN B 68 -26.68 -11.18 19.06
C GLN B 68 -26.58 -10.90 17.57
N ILE B 69 -25.42 -10.39 17.15
CA ILE B 69 -25.20 -10.10 15.74
C ILE B 69 -25.01 -11.37 14.94
N LEU B 70 -24.11 -12.22 15.42
CA LEU B 70 -23.67 -13.39 14.66
C LEU B 70 -24.51 -14.66 14.86
N GLY B 71 -25.23 -14.74 15.97
CA GLY B 71 -26.02 -15.92 16.25
C GLY B 71 -25.20 -17.20 16.12
N HIS B 72 -25.68 -18.13 15.30
CA HIS B 72 -25.06 -19.46 15.20
C HIS B 72 -23.84 -19.45 14.29
N ARG B 73 -23.66 -18.36 13.57
CA ARG B 73 -22.67 -18.32 12.50
C ARG B 73 -21.23 -18.29 12.97
N ALA B 74 -21.04 -17.94 14.25
CA ALA B 74 -19.70 -17.90 14.78
C ALA B 74 -19.69 -17.98 16.29
N MET B 75 -18.67 -18.66 16.79
CA MET B 75 -18.36 -18.72 18.21
C MET B 75 -17.59 -17.46 18.58
N ILE B 76 -17.94 -16.87 19.72
CA ILE B 76 -17.43 -15.58 20.15
C ILE B 76 -16.60 -15.73 21.41
N VAL B 77 -15.46 -15.05 21.47
CA VAL B 77 -14.64 -15.02 22.68
C VAL B 77 -14.07 -13.62 22.91
N ALA B 78 -13.62 -13.36 24.14
CA ALA B 78 -12.97 -12.10 24.47
C ALA B 78 -11.52 -12.07 23.97
N GLY B 79 -11.16 -10.98 23.30
CA GLY B 79 -9.81 -10.79 22.77
C GLY B 79 -8.86 -10.21 23.81
N GLY B 80 -7.71 -9.72 23.36
CA GLY B 80 -6.70 -9.21 24.28
C GLY B 80 -6.10 -7.86 23.95
N SER B 81 -4.95 -7.57 24.58
CA SER B 81 -4.33 -6.25 24.55
C SER B 81 -3.73 -5.83 23.21
N ASN B 82 -3.48 -6.81 22.34
CA ASN B 82 -2.97 -6.54 21.00
C ASN B 82 -3.30 -7.70 20.08
N ARG B 83 -3.06 -7.53 18.79
CA ARG B 83 -3.47 -8.54 17.82
C ARG B 83 -2.92 -9.92 18.17
N THR B 84 -1.64 -9.97 18.50
CA THR B 84 -0.99 -11.23 18.86
C THR B 84 -1.63 -11.89 20.09
N ASP B 85 -1.89 -11.09 21.11
CA ASP B 85 -2.53 -11.60 22.31
C ASP B 85 -3.95 -12.10 22.04
N THR B 86 -4.68 -11.39 21.19
CA THR B 86 -6.05 -11.78 20.89
C THR B 86 -6.02 -13.17 20.26
N VAL B 87 -5.19 -13.33 19.23
CA VAL B 87 -5.09 -14.58 18.47
C VAL B 87 -4.69 -15.74 19.36
N ASN B 88 -3.78 -15.47 20.28
CA ASN B 88 -3.36 -16.53 21.19
C ASN B 88 -4.53 -17.01 22.05
N LEU B 89 -5.33 -16.06 22.54
CA LEU B 89 -6.54 -16.40 23.29
C LEU B 89 -7.51 -17.24 22.46
N ALA B 90 -7.71 -16.86 21.20
CA ALA B 90 -8.62 -17.61 20.33
C ALA B 90 -8.15 -19.04 20.10
N LEU B 91 -6.85 -19.22 19.98
CA LEU B 91 -6.27 -20.53 19.69
C LEU B 91 -6.51 -21.52 20.83
N THR B 92 -6.72 -21.00 22.03
CA THR B 92 -6.87 -21.89 23.17
C THR B 92 -8.21 -22.58 23.07
N VAL B 93 -9.10 -22.01 22.26
CA VAL B 93 -10.46 -22.52 22.10
C VAL B 93 -10.48 -23.85 21.36
N LEU B 94 -9.50 -24.05 20.48
CA LEU B 94 -9.42 -25.22 19.65
C LEU B 94 -9.49 -26.51 20.45
N SER B 95 -10.34 -27.45 20.01
CA SER B 95 -10.42 -28.76 20.64
C SER B 95 -9.09 -29.49 20.52
N GLY B 96 -8.61 -30.05 21.62
CA GLY B 96 -7.38 -30.82 21.61
C GLY B 96 -7.63 -32.25 21.17
N THR B 97 -8.80 -32.79 21.52
CA THR B 97 -9.11 -34.15 21.12
C THR B 97 -9.53 -34.23 19.63
N ALA B 98 -10.10 -33.14 19.10
CA ALA B 98 -10.51 -33.11 17.71
C ALA B 98 -9.90 -31.91 16.99
N GLU B 99 -8.57 -31.88 16.91
CA GLU B 99 -7.86 -30.76 16.29
C GLU B 99 -8.18 -30.59 14.81
N PRO B 100 -8.44 -29.34 14.38
CA PRO B 100 -8.68 -29.16 12.96
C PRO B 100 -7.40 -29.45 12.19
N GLU B 101 -7.51 -29.75 10.91
CA GLU B 101 -6.30 -30.00 10.11
C GLU B 101 -5.66 -28.64 9.77
N PHE B 102 -6.49 -27.64 9.53
CA PHE B 102 -5.99 -26.31 9.18
C PHE B 102 -6.65 -25.19 9.98
N VAL B 103 -5.87 -24.13 10.23
CA VAL B 103 -6.38 -22.93 10.87
C VAL B 103 -6.09 -21.72 9.95
N LEU B 104 -7.11 -20.92 9.69
CA LEU B 104 -6.93 -19.63 9.04
C LEU B 104 -6.99 -18.52 10.09
N VAL B 105 -6.21 -17.46 9.88
CA VAL B 105 -6.34 -16.26 10.70
C VAL B 105 -6.63 -15.07 9.76
N HIS B 106 -7.70 -14.33 10.06
CA HIS B 106 -8.26 -13.35 9.13
C HIS B 106 -8.65 -12.07 9.86
N ASP B 107 -8.07 -10.94 9.47
CA ASP B 107 -8.44 -9.64 10.07
C ASP B 107 -9.87 -9.24 9.74
N ALA B 108 -10.66 -8.93 10.77
CA ALA B 108 -12.03 -8.46 10.56
C ALA B 108 -12.04 -7.12 9.78
N ALA B 109 -10.92 -6.40 9.83
CA ALA B 109 -10.82 -5.11 9.14
C ALA B 109 -10.78 -5.27 7.60
N ARG B 110 -10.53 -6.49 7.12
CA ARG B 110 -10.54 -6.78 5.70
C ARG B 110 -11.91 -7.35 5.30
N ALA B 111 -12.94 -6.56 5.54
CA ALA B 111 -14.32 -7.03 5.50
C ALA B 111 -14.82 -7.30 4.08
N LEU B 112 -14.16 -6.74 3.08
CA LEU B 112 -14.57 -6.92 1.69
C LEU B 112 -13.78 -8.05 0.99
N THR B 113 -12.99 -8.78 1.75
CA THR B 113 -12.28 -9.91 1.19
C THR B 113 -13.24 -10.83 0.41
N PRO B 114 -12.90 -11.15 -0.85
CA PRO B 114 -13.77 -12.07 -1.61
C PRO B 114 -13.63 -13.54 -1.15
N PRO B 115 -14.75 -14.25 -1.10
CA PRO B 115 -14.75 -15.66 -0.71
C PRO B 115 -13.81 -16.47 -1.60
N ALA B 116 -13.68 -16.08 -2.87
CA ALA B 116 -12.74 -16.77 -3.75
C ALA B 116 -11.32 -16.79 -3.17
N LEU B 117 -10.92 -15.68 -2.53
CA LEU B 117 -9.57 -15.59 -1.96
C LEU B 117 -9.41 -16.62 -0.85
N VAL B 118 -10.44 -16.72 0.00
CA VAL B 118 -10.42 -17.67 1.10
C VAL B 118 -10.27 -19.07 0.55
N ALA B 119 -10.96 -19.37 -0.54
CA ALA B 119 -10.88 -20.69 -1.13
C ALA B 119 -9.48 -20.96 -1.66
N ARG B 120 -8.90 -19.96 -2.33
CA ARG B 120 -7.58 -20.09 -2.92
C ARG B 120 -6.52 -20.43 -1.86
N VAL B 121 -6.62 -19.79 -0.71
CA VAL B 121 -5.70 -20.08 0.38
C VAL B 121 -5.84 -21.52 0.89
N VAL B 122 -7.07 -21.99 1.06
CA VAL B 122 -7.29 -23.34 1.60
C VAL B 122 -6.85 -24.37 0.59
N GLU B 123 -7.04 -24.04 -0.69
CA GLU B 123 -6.66 -24.94 -1.75
C GLU B 123 -5.15 -25.19 -1.77
N ALA B 124 -4.39 -24.14 -1.48
CA ALA B 124 -2.93 -24.25 -1.40
C ALA B 124 -2.51 -25.15 -0.23
N LEU B 125 -3.16 -24.97 0.92
CA LEU B 125 -2.92 -25.85 2.07
C LEU B 125 -3.22 -27.31 1.72
N ARG B 126 -4.27 -27.55 0.95
CA ARG B 126 -4.60 -28.92 0.54
C ARG B 126 -3.66 -29.43 -0.54
N ASP B 127 -2.93 -28.52 -1.17
CA ASP B 127 -1.88 -28.91 -2.10
C ASP B 127 -0.61 -29.33 -1.36
N GLY B 128 -0.62 -29.18 -0.04
CA GLY B 128 0.50 -29.65 0.76
C GLY B 128 1.41 -28.56 1.32
N TYR B 129 1.11 -27.30 1.04
CA TYR B 129 1.91 -26.22 1.63
C TYR B 129 1.57 -26.11 3.12
N ALA B 130 2.61 -25.99 3.95
CA ALA B 130 2.43 -26.00 5.39
C ALA B 130 1.89 -24.67 5.92
N ALA B 131 2.18 -23.58 5.21
CA ALA B 131 1.69 -22.27 5.58
C ALA B 131 1.56 -21.44 4.32
N VAL B 132 0.49 -20.65 4.24
CA VAL B 132 0.14 -19.91 3.02
C VAL B 132 -0.28 -18.47 3.31
N VAL B 133 0.26 -17.51 2.57
CA VAL B 133 -0.21 -16.12 2.67
C VAL B 133 -0.58 -15.56 1.29
N PRO B 134 -1.64 -14.76 1.22
CA PRO B 134 -2.03 -14.10 -0.02
C PRO B 134 -1.24 -12.79 -0.12
N VAL B 135 -0.82 -12.43 -1.33
CA VAL B 135 0.03 -11.26 -1.49
C VAL B 135 -0.31 -10.50 -2.76
N LEU B 136 0.16 -9.26 -2.83
CA LEU B 136 -0.05 -8.39 -3.97
C LEU B 136 1.25 -7.69 -4.24
N PRO B 137 1.46 -7.23 -5.48
CA PRO B 137 2.70 -6.48 -5.68
C PRO B 137 2.66 -5.15 -4.89
N LEU B 138 3.83 -4.56 -4.66
CA LEU B 138 3.92 -3.29 -3.96
C LEU B 138 3.35 -2.18 -4.83
N SER B 139 2.67 -1.22 -4.23
CA SER B 139 2.23 -0.03 -4.97
C SER B 139 3.33 1.04 -5.01
N ASP B 140 3.75 1.51 -3.85
CA ASP B 140 4.80 2.51 -3.77
C ASP B 140 6.17 1.84 -3.68
N THR B 141 7.20 2.56 -4.11
CA THR B 141 8.57 2.17 -3.86
C THR B 141 8.76 2.13 -2.35
N ILE B 142 9.54 1.16 -1.88
CA ILE B 142 9.84 1.08 -0.46
C ILE B 142 11.28 1.50 -0.23
N LYS B 143 11.50 2.30 0.82
CA LYS B 143 12.85 2.64 1.25
C LYS B 143 13.07 2.35 2.75
N ALA B 144 14.29 2.00 3.10
CA ALA B 144 14.67 1.92 4.51
C ALA B 144 15.18 3.29 4.94
N VAL B 145 14.68 3.78 6.07
CA VAL B 145 15.00 5.13 6.52
C VAL B 145 15.40 5.11 7.99
N ASP B 146 16.40 5.90 8.35
CA ASP B 146 16.78 5.97 9.77
C ASP B 146 16.02 7.03 10.57
N ALA B 147 16.70 7.56 11.58
CA ALA B 147 16.10 8.03 12.83
C ALA B 147 15.17 9.25 12.93
N ASN B 148 15.50 10.49 12.55
CA ASN B 148 16.56 10.99 11.66
C ASN B 148 16.06 11.29 10.21
N GLY B 149 15.39 10.33 9.60
CA GLY B 149 14.78 10.55 8.29
C GLY B 149 15.71 10.52 7.09
N VAL B 150 16.90 9.98 7.28
CA VAL B 150 17.86 9.81 6.20
C VAL B 150 17.66 8.46 5.53
N VAL B 151 17.59 8.45 4.21
CA VAL B 151 17.41 7.19 3.48
C VAL B 151 18.64 6.32 3.58
N LEU B 152 18.44 5.08 3.98
CA LEU B 152 19.53 4.12 4.08
C LEU B 152 19.70 3.36 2.76
N GLY B 153 18.59 3.13 2.05
CA GLY B 153 18.65 2.46 0.77
C GLY B 153 17.30 2.00 0.25
N THR B 154 17.27 1.56 -1.01
CA THR B 154 16.04 1.10 -1.64
C THR B 154 16.14 -0.39 -1.96
N PRO B 155 15.42 -1.24 -1.21
CA PRO B 155 15.49 -2.66 -1.56
C PRO B 155 14.85 -2.94 -2.93
N GLU B 156 15.23 -4.04 -3.57
CA GLU B 156 14.70 -4.35 -4.89
C GLU B 156 13.21 -4.69 -4.80
N ARG B 157 12.38 -3.91 -5.50
CA ARG B 157 10.94 -4.07 -5.40
C ARG B 157 10.48 -5.46 -5.81
N ALA B 158 11.22 -6.07 -6.75
CA ALA B 158 10.85 -7.33 -7.38
C ALA B 158 10.66 -8.43 -6.36
N GLY B 159 11.45 -8.39 -5.29
CA GLY B 159 11.46 -9.48 -4.33
C GLY B 159 10.59 -9.20 -3.13
N LEU B 160 9.81 -8.12 -3.20
CA LEU B 160 8.93 -7.73 -2.09
C LEU B 160 7.46 -7.90 -2.45
N ARG B 161 6.63 -8.23 -1.47
CA ARG B 161 5.19 -8.34 -1.67
C ARG B 161 4.44 -7.70 -0.51
N ALA B 162 3.28 -7.14 -0.82
CA ALA B 162 2.34 -6.74 0.22
C ALA B 162 1.52 -7.96 0.62
N VAL B 163 1.31 -8.16 1.91
CA VAL B 163 0.68 -9.38 2.41
C VAL B 163 -0.65 -9.08 3.07
N GLN B 164 -1.64 -9.94 2.82
CA GLN B 164 -2.98 -9.74 3.36
C GLN B 164 -3.36 -10.93 4.23
N THR B 165 -4.65 -11.05 4.53
CA THR B 165 -5.22 -12.25 5.18
C THR B 165 -6.43 -12.64 4.35
N PRO B 166 -6.98 -13.86 4.56
CA PRO B 166 -6.65 -14.90 5.53
C PRO B 166 -5.27 -15.51 5.31
N GLN B 167 -4.55 -15.73 6.39
CA GLN B 167 -3.34 -16.53 6.31
C GLN B 167 -3.68 -17.92 6.82
N GLY B 168 -3.17 -18.95 6.14
CA GLY B 168 -3.54 -20.31 6.46
C GLY B 168 -2.35 -21.13 6.93
N PHE B 169 -2.60 -22.04 7.86
CA PHE B 169 -1.54 -22.83 8.47
C PHE B 169 -2.02 -24.23 8.85
N THR B 170 -1.11 -25.19 8.80
CA THR B 170 -1.33 -26.46 9.48
C THR B 170 -1.39 -26.12 10.96
N THR B 171 -2.32 -26.74 11.67
CA THR B 171 -2.65 -26.32 13.03
C THR B 171 -1.45 -26.40 13.97
N ASP B 172 -0.67 -27.47 13.86
CA ASP B 172 0.37 -27.69 14.85
C ASP B 172 1.47 -26.65 14.70
N LEU B 173 1.85 -26.39 13.45
CA LEU B 173 2.80 -25.33 13.16
C LEU B 173 2.36 -23.98 13.75
N LEU B 174 1.11 -23.59 13.54
CA LEU B 174 0.63 -22.32 14.07
C LEU B 174 0.63 -22.31 15.60
N LEU B 175 0.18 -23.40 16.21
CA LEU B 175 0.15 -23.47 17.66
C LEU B 175 1.54 -23.34 18.27
N ARG B 176 2.52 -24.02 17.70
CA ARG B 176 3.89 -23.95 18.22
C ARG B 176 4.52 -22.57 18.03
N SER B 177 4.06 -21.82 17.03
CA SER B 177 4.57 -20.47 16.78
CA SER B 177 4.58 -20.47 16.79
C SER B 177 4.05 -19.49 17.82
N TYR B 178 2.81 -19.73 18.28
CA TYR B 178 2.16 -18.87 19.27
C TYR B 178 2.40 -19.32 20.71
N GLN B 179 2.70 -20.59 20.95
CA GLN B 179 2.96 -21.05 22.32
C GLN B 179 4.43 -21.16 22.65
N ARG B 180 5.28 -20.73 21.73
CA ARG B 180 6.69 -20.50 22.00
C ARG B 180 6.79 -19.88 23.40
N GLY B 181 7.54 -20.52 24.28
CA GLY B 181 7.69 -20.06 25.65
C GLY B 181 8.38 -18.72 25.73
N SER B 182 9.24 -18.46 24.75
CA SER B 182 10.04 -17.24 24.71
C SER B 182 9.27 -16.07 24.09
N LEU B 183 8.01 -16.30 23.70
CA LEU B 183 7.18 -15.22 23.19
C LEU B 183 6.56 -14.42 24.33
N ASP B 184 6.93 -13.15 24.44
CA ASP B 184 6.34 -12.24 25.41
C ASP B 184 5.11 -11.58 24.80
N LEU B 185 3.93 -12.08 25.15
CA LEU B 185 2.69 -11.67 24.49
C LEU B 185 2.31 -10.19 24.64
N PRO B 186 2.43 -9.64 25.85
CA PRO B 186 2.08 -8.21 26.01
C PRO B 186 2.95 -7.25 25.19
N ALA B 187 4.14 -7.69 24.80
CA ALA B 187 5.06 -6.83 24.06
C ALA B 187 5.17 -7.17 22.58
N ALA B 188 4.36 -8.14 22.14
CA ALA B 188 4.41 -8.60 20.76
C ALA B 188 3.90 -7.53 19.78
N GLU B 189 4.73 -7.19 18.81
CA GLU B 189 4.40 -6.17 17.82
C GLU B 189 4.10 -6.75 16.46
N TYR B 190 3.82 -8.06 16.42
CA TYR B 190 3.58 -8.74 15.15
C TYR B 190 2.33 -8.21 14.45
N THR B 191 2.46 -7.97 13.15
CA THR B 191 1.36 -7.45 12.35
C THR B 191 0.61 -8.61 11.72
N ASP B 192 1.31 -9.71 11.52
CA ASP B 192 0.68 -10.86 10.90
C ASP B 192 1.16 -12.14 11.55
N ASP B 193 0.50 -13.25 11.21
CA ASP B 193 0.75 -14.50 11.88
C ASP B 193 1.95 -15.24 11.30
N ALA B 194 2.18 -15.06 9.99
CA ALA B 194 3.21 -15.82 9.30
C ALA B 194 4.59 -15.49 9.88
N SER B 195 4.78 -14.26 10.32
CA SER B 195 6.09 -13.87 10.82
C SER B 195 6.43 -14.68 12.09
N LEU B 196 5.43 -15.03 12.89
CA LEU B 196 5.64 -15.94 14.02
C LEU B 196 5.99 -17.35 13.55
N VAL B 197 5.36 -17.77 12.46
CA VAL B 197 5.68 -19.07 11.90
C VAL B 197 7.09 -19.06 11.30
N GLU B 198 7.44 -17.96 10.64
CA GLU B 198 8.76 -17.84 10.03
C GLU B 198 9.83 -17.86 11.12
N HIS B 199 9.52 -17.24 12.24
CA HIS B 199 10.45 -17.16 13.34
C HIS B 199 10.91 -18.55 13.79
N ILE B 200 9.98 -19.50 13.82
CA ILE B 200 10.35 -20.85 14.26
C ILE B 200 10.72 -21.74 13.07
N GLY B 201 10.86 -21.14 11.90
CA GLY B 201 11.36 -21.86 10.74
C GLY B 201 10.33 -22.62 9.92
N GLY B 202 9.05 -22.32 10.10
CA GLY B 202 8.05 -22.89 9.23
C GLY B 202 8.18 -22.26 7.86
N GLN B 203 8.03 -23.02 6.79
CA GLN B 203 8.11 -22.48 5.44
C GLN B 203 6.76 -21.94 4.94
N VAL B 204 6.76 -20.69 4.50
CA VAL B 204 5.52 -20.04 4.06
C VAL B 204 5.49 -19.86 2.54
N GLN B 205 4.38 -20.26 1.93
CA GLN B 205 4.16 -20.14 0.50
C GLN B 205 3.19 -19.02 0.22
N VAL B 206 3.38 -18.34 -0.89
CA VAL B 206 2.56 -17.21 -1.29
C VAL B 206 1.53 -17.65 -2.32
N VAL B 207 0.32 -17.08 -2.27
CA VAL B 207 -0.62 -17.17 -3.38
C VAL B 207 -1.07 -15.73 -3.68
N ASP B 208 -1.69 -15.52 -4.85
CA ASP B 208 -2.23 -14.21 -5.19
C ASP B 208 -3.32 -13.77 -4.24
N GLY B 209 -3.20 -12.54 -3.75
CA GLY B 209 -4.25 -11.96 -2.94
C GLY B 209 -5.32 -11.30 -3.81
N ASP B 210 -5.94 -10.24 -3.29
CA ASP B 210 -6.97 -9.54 -4.04
C ASP B 210 -7.07 -8.12 -3.48
N PRO B 211 -7.05 -7.11 -4.35
CA PRO B 211 -7.16 -5.70 -3.94
C PRO B 211 -8.38 -5.44 -3.04
N LEU B 212 -9.43 -6.25 -3.19
CA LEU B 212 -10.62 -6.10 -2.38
C LEU B 212 -10.41 -6.51 -0.93
N ALA B 213 -9.30 -7.20 -0.65
CA ALA B 213 -9.06 -7.62 0.72
C ALA B 213 -8.22 -6.62 1.53
N PHE B 214 -8.28 -5.35 1.13
CA PHE B 214 -7.53 -4.31 1.85
C PHE B 214 -8.08 -4.12 3.26
N LYS B 215 -7.20 -3.69 4.18
CA LYS B 215 -7.62 -3.41 5.55
C LYS B 215 -8.30 -2.05 5.63
N ILE B 216 -9.49 -2.00 6.21
CA ILE B 216 -10.17 -0.74 6.44
C ILE B 216 -9.59 -0.11 7.71
N THR B 217 -8.72 0.87 7.55
CA THR B 217 -8.01 1.44 8.70
C THR B 217 -8.33 2.93 8.92
N THR B 218 -8.43 3.68 7.82
CA THR B 218 -8.70 5.11 7.90
C THR B 218 -10.01 5.52 7.23
N LYS B 219 -10.44 6.76 7.47
CA LYS B 219 -11.60 7.35 6.82
C LYS B 219 -11.52 7.20 5.31
N LEU B 220 -10.32 7.30 4.75
CA LEU B 220 -10.13 7.16 3.32
C LEU B 220 -10.39 5.72 2.87
N ASP B 221 -9.86 4.75 3.60
CA ASP B 221 -10.22 3.35 3.37
C ASP B 221 -11.74 3.19 3.44
N LEU B 222 -12.34 3.78 4.46
CA LEU B 222 -13.78 3.67 4.64
C LEU B 222 -14.53 4.26 3.45
N LEU B 223 -14.07 5.41 2.98
CA LEU B 223 -14.68 6.03 1.80
C LEU B 223 -14.70 5.06 0.63
N LEU B 224 -13.57 4.37 0.44
CA LEU B 224 -13.42 3.40 -0.64
C LEU B 224 -14.36 2.22 -0.44
N ALA B 225 -14.38 1.67 0.79
CA ALA B 225 -15.24 0.53 1.11
C ALA B 225 -16.70 0.84 0.80
N GLN B 226 -17.13 2.03 1.22
CA GLN B 226 -18.47 2.52 0.90
C GLN B 226 -18.76 2.62 -0.60
N ALA B 227 -17.83 3.16 -1.38
CA ALA B 227 -18.05 3.26 -2.82
C ALA B 227 -18.13 1.86 -3.42
N ILE B 228 -17.42 0.92 -2.84
CA ILE B 228 -17.45 -0.46 -3.32
C ILE B 228 -18.80 -1.14 -3.06
N VAL B 229 -19.32 -0.99 -1.84
CA VAL B 229 -20.55 -1.68 -1.46
C VAL B 229 -21.81 -1.05 -2.05
N ARG B 230 -21.77 0.23 -2.44
CA ARG B 230 -22.94 0.85 -3.07
C ARG B 230 -22.97 0.59 -4.57
N GLY B 231 -21.82 0.76 -5.21
CA GLY B 231 -21.72 0.72 -6.66
C GLY B 231 -22.10 -0.61 -7.28
#